data_6DNT
#
_entry.id   6DNT
#
_cell.length_a   89.497
_cell.length_b   89.497
_cell.length_c   82.717
_cell.angle_alpha   90.000
_cell.angle_beta   90.000
_cell.angle_gamma   120.000
#
_symmetry.space_group_name_H-M   'P 31 2 1'
#
loop_
_entity.id
_entity.type
_entity.pdbx_description
1 polymer 'NAD-dependent epimerase/dehydratase'
2 non-polymer NICOTINAMIDE-ADENINE-DINUCLEOTIDE
3 non-polymer '(2R)-2-{[(2R,3R,4R,5S,6R)-3-(acetylamino)-2-{[(S)-{[(R)-{[(2R,3S,4R,5R)-5-(2,4-dioxo-3,4-dihydropyrimidin-1(2H)-yl)-3,4-dihydroxytetrahydrofuran-2-yl]methoxy}(hydroxy)phosphoryl]oxy}(hydroxy)phosphoryl]oxy}-5-hydroxy-6-(hydroxymethyl)tetrahydro-2H-pyran-4-yl]oxy}propanoic acid'
4 non-polymer 'ZINC ION'
5 non-polymer 1,2-ETHANEDIOL
6 water water
#
_entity_poly.entity_id   1
_entity_poly.type   'polypeptide(L)'
_entity_poly.pdbx_seq_one_letter_code
;MHHHHHHGKPIPNPLLGLDSTENLYFQGIDPFTMKDKNVVVTGGLGFIGSHIVDALIDDNKVTIIDNLSSGKMENLNNPN
HENLTIIKEDLMDADLEKILKDKDYVFHLAALASVPGSVAEPLRYNQNNIDASLKLFIACKNNNIKKVIFSSSSAVYGEN
PNMPLKESENFLPCSPYAAQKASCELYLKSFHESYGLDYVALRYFNVFGPRQDENSPYAAVIPKFISAILNGESPVIYGD
GEQSRDFIYVKEIAKANILSAESDYNGVINVALGKSMTINRLFEIISDVLESDIDVKYLDERPGDIKHSLADISNLDKIS
FKPDEDKFEEQLRETVKWFISQME
;
_entity_poly.pdbx_strand_id   A
#
# COMPACT_ATOMS: atom_id res chain seq x y z
N MET A 34 5.27 2.42 -19.19
CA MET A 34 3.90 2.15 -19.73
C MET A 34 3.37 3.37 -20.49
N LYS A 35 2.91 3.15 -21.72
CA LYS A 35 2.41 4.22 -22.59
C LYS A 35 1.18 3.78 -23.35
N ASP A 36 0.25 4.72 -23.57
CA ASP A 36 -0.94 4.55 -24.43
C ASP A 36 -1.93 3.51 -23.95
N LYS A 37 -1.99 3.30 -22.64
CA LYS A 37 -2.99 2.41 -22.05
C LYS A 37 -4.11 3.22 -21.42
N ASN A 38 -5.21 2.54 -21.11
CA ASN A 38 -6.33 3.14 -20.41
C ASN A 38 -6.49 2.29 -19.14
N VAL A 39 -6.20 2.89 -17.98
CA VAL A 39 -6.13 2.10 -16.75
C VAL A 39 -7.10 2.65 -15.71
N VAL A 40 -7.44 1.79 -14.76
CA VAL A 40 -8.24 2.15 -13.61
C VAL A 40 -7.34 2.02 -12.39
N VAL A 41 -7.38 3.03 -11.53
CA VAL A 41 -6.72 2.97 -10.23
C VAL A 41 -7.76 3.18 -9.15
N THR A 42 -8.16 2.11 -8.47
CA THR A 42 -9.08 2.26 -7.36
C THR A 42 -8.26 2.79 -6.19
N GLY A 43 -8.85 3.66 -5.39
CA GLY A 43 -8.13 4.28 -4.28
C GLY A 43 -7.03 5.20 -4.76
N GLY A 44 -7.18 5.75 -5.98
CA GLY A 44 -6.15 6.59 -6.58
C GLY A 44 -5.94 7.96 -5.96
N LEU A 45 -6.82 8.39 -5.06
CA LEU A 45 -6.60 9.63 -4.31
C LEU A 45 -5.92 9.37 -2.97
N GLY A 46 -5.59 8.11 -2.68
CA GLY A 46 -4.96 7.79 -1.40
C GLY A 46 -3.45 7.95 -1.43
N PHE A 47 -2.83 7.52 -0.35
CA PHE A 47 -1.39 7.67 -0.14
C PHE A 47 -0.61 6.98 -1.25
N ILE A 48 -0.82 5.68 -1.43
CA ILE A 48 -0.03 4.93 -2.39
C ILE A 48 -0.58 5.19 -3.80
N GLY A 49 -1.91 5.15 -3.92
CA GLY A 49 -2.56 5.25 -5.23
C GLY A 49 -2.24 6.53 -5.97
N SER A 50 -2.15 7.63 -5.23
CA SER A 50 -1.83 8.92 -5.85
C SER A 50 -0.45 8.91 -6.51
N HIS A 51 0.51 8.19 -5.94
CA HIS A 51 1.84 8.08 -6.54
C HIS A 51 1.84 7.23 -7.80
N ILE A 52 0.96 6.22 -7.85
CA ILE A 52 0.80 5.41 -9.07
C ILE A 52 0.17 6.25 -10.18
N VAL A 53 -0.87 7.00 -9.84
CA VAL A 53 -1.50 7.91 -10.80
C VAL A 53 -0.46 8.89 -11.34
N ASP A 54 0.33 9.50 -10.46
CA ASP A 54 1.37 10.46 -10.90
C ASP A 54 2.31 9.85 -11.92
N ALA A 55 2.68 8.58 -11.71
CA ALA A 55 3.67 7.92 -12.56
C ALA A 55 3.11 7.51 -13.91
N LEU A 56 1.79 7.35 -14.02
CA LEU A 56 1.16 6.89 -15.26
C LEU A 56 0.50 7.97 -16.10
N ILE A 57 0.14 9.09 -15.47
CA ILE A 57 -0.81 10.03 -16.05
C ILE A 57 -0.34 10.77 -17.31
N ASP A 58 0.97 10.99 -17.45
CA ASP A 58 1.47 11.71 -18.63
C ASP A 58 1.29 10.93 -19.91
N ASP A 59 1.44 9.61 -19.84
CA ASP A 59 1.44 8.77 -21.04
C ASP A 59 0.24 7.83 -21.16
N ASN A 60 -0.70 7.88 -20.20
CA ASN A 60 -1.84 6.97 -20.19
C ASN A 60 -3.10 7.66 -19.72
N LYS A 61 -4.24 7.17 -20.19
CA LYS A 61 -5.51 7.58 -19.65
C LYS A 61 -5.68 6.86 -18.31
N VAL A 62 -6.11 7.58 -17.29
CA VAL A 62 -6.31 7.02 -15.96
C VAL A 62 -7.68 7.41 -15.44
N THR A 63 -8.44 6.40 -15.02
CA THR A 63 -9.70 6.59 -14.33
C THR A 63 -9.49 6.20 -12.88
N ILE A 64 -9.66 7.15 -11.98
CA ILE A 64 -9.63 6.89 -10.55
C ILE A 64 -11.03 6.61 -10.07
N ILE A 65 -11.21 5.56 -9.26
CA ILE A 65 -12.44 5.38 -8.50
C ILE A 65 -12.10 5.51 -7.02
N ASP A 66 -12.69 6.48 -6.35
CA ASP A 66 -12.32 6.76 -4.95
C ASP A 66 -13.46 7.45 -4.27
N ASN A 67 -13.84 6.99 -3.08
CA ASN A 67 -14.95 7.60 -2.36
C ASN A 67 -14.55 8.72 -1.37
N LEU A 68 -13.27 9.10 -1.36
N LEU A 68 -13.28 9.11 -1.38
CA LEU A 68 -12.73 10.14 -0.48
CA LEU A 68 -12.73 10.12 -0.47
C LEU A 68 -12.84 9.83 1.02
C LEU A 68 -13.01 9.83 1.01
N SER A 69 -13.01 8.55 1.37
CA SER A 69 -13.11 8.16 2.78
C SER A 69 -11.80 8.47 3.51
N SER A 70 -10.68 8.34 2.81
CA SER A 70 -9.39 8.79 3.31
C SER A 70 -8.51 9.53 2.31
N GLY A 71 -8.80 9.42 1.01
CA GLY A 71 -8.01 10.09 -0.02
C GLY A 71 -8.43 11.54 -0.19
N LYS A 72 -7.63 12.29 -0.94
CA LYS A 72 -7.83 13.72 -1.14
C LYS A 72 -7.46 14.05 -2.57
N MET A 73 -8.26 14.90 -3.21
CA MET A 73 -7.93 15.43 -4.54
C MET A 73 -6.51 15.99 -4.62
N GLU A 74 -6.13 16.74 -3.58
CA GLU A 74 -4.83 17.41 -3.54
C GLU A 74 -3.63 16.46 -3.40
N ASN A 75 -3.85 15.17 -3.12
CA ASN A 75 -2.77 14.20 -3.22
C ASN A 75 -2.20 14.04 -4.63
N LEU A 76 -2.96 14.34 -5.68
CA LEU A 76 -2.44 14.22 -7.04
C LEU A 76 -1.53 15.38 -7.39
N ASN A 77 -0.45 15.10 -8.12
CA ASN A 77 0.41 16.17 -8.60
C ASN A 77 -0.36 17.15 -9.49
N ASN A 78 -1.21 16.61 -10.36
CA ASN A 78 -2.10 17.44 -11.17
C ASN A 78 -3.50 16.83 -11.23
N PRO A 79 -4.39 17.27 -10.32
CA PRO A 79 -5.75 16.73 -10.34
C PRO A 79 -6.61 17.21 -11.52
N ASN A 80 -6.08 18.07 -12.38
CA ASN A 80 -6.79 18.54 -13.58
C ASN A 80 -6.11 18.12 -14.88
N HIS A 81 -5.30 17.07 -14.81
CA HIS A 81 -4.57 16.58 -15.95
C HIS A 81 -5.52 16.14 -17.07
N GLU A 82 -5.16 16.46 -18.32
CA GLU A 82 -5.99 16.08 -19.48
C GLU A 82 -6.36 14.59 -19.59
N ASN A 83 -5.45 13.71 -19.19
CA ASN A 83 -5.66 12.27 -19.20
C ASN A 83 -6.46 11.70 -18.03
N LEU A 84 -6.84 12.53 -17.07
CA LEU A 84 -7.43 12.05 -15.83
C LEU A 84 -8.95 12.07 -15.86
N THR A 85 -9.55 11.01 -15.32
CA THR A 85 -10.94 10.99 -14.97
C THR A 85 -11.06 10.56 -13.51
N ILE A 86 -11.91 11.23 -12.76
CA ILE A 86 -12.15 10.87 -11.37
C ILE A 86 -13.62 10.56 -11.19
N ILE A 87 -13.89 9.39 -10.61
CA ILE A 87 -15.23 8.95 -10.28
C ILE A 87 -15.28 8.88 -8.78
N LYS A 88 -16.06 9.76 -8.18
CA LYS A 88 -16.15 9.90 -6.72
C LYS A 88 -17.28 9.03 -6.21
N GLU A 89 -16.96 7.76 -6.03
CA GLU A 89 -17.96 6.77 -5.72
C GLU A 89 -17.36 5.59 -4.97
N ASP A 90 -18.17 4.98 -4.12
CA ASP A 90 -17.80 3.74 -3.45
C ASP A 90 -17.76 2.61 -4.48
N LEU A 91 -16.73 1.74 -4.42
CA LEU A 91 -16.70 0.58 -5.30
C LEU A 91 -17.96 -0.28 -5.21
N MET A 92 -18.60 -0.33 -4.04
CA MET A 92 -19.82 -1.11 -3.85
C MET A 92 -21.02 -0.61 -4.62
N ASP A 93 -21.02 0.69 -4.96
CA ASP A 93 -22.11 1.32 -5.71
C ASP A 93 -21.82 1.52 -7.19
N ALA A 94 -20.54 1.57 -7.57
CA ALA A 94 -20.15 1.92 -8.92
C ALA A 94 -20.55 0.86 -9.93
N ASP A 95 -20.84 1.29 -11.15
CA ASP A 95 -21.13 0.35 -12.22
C ASP A 95 -19.79 -0.09 -12.82
N LEU A 96 -19.13 -1.00 -12.12
CA LEU A 96 -17.80 -1.44 -12.51
C LEU A 96 -17.81 -2.22 -13.82
N GLU A 97 -18.90 -2.91 -14.11
N GLU A 97 -18.89 -2.94 -14.10
CA GLU A 97 -19.01 -3.62 -15.40
CA GLU A 97 -19.08 -3.61 -15.38
C GLU A 97 -18.87 -2.61 -16.54
C GLU A 97 -18.93 -2.64 -16.56
N LYS A 98 -19.52 -1.46 -16.42
CA LYS A 98 -19.44 -0.38 -17.43
C LYS A 98 -18.10 0.37 -17.41
N ILE A 99 -17.63 0.74 -16.22
CA ILE A 99 -16.38 1.51 -16.10
C ILE A 99 -15.18 0.74 -16.65
N LEU A 100 -15.15 -0.57 -16.45
CA LEU A 100 -14.02 -1.36 -16.90
C LEU A 100 -14.05 -1.77 -18.38
N LYS A 101 -15.10 -1.42 -19.12
CA LYS A 101 -15.15 -1.72 -20.57
C LYS A 101 -14.00 -1.03 -21.26
N ASP A 102 -13.24 -1.78 -22.06
CA ASP A 102 -12.12 -1.24 -22.84
C ASP A 102 -10.95 -0.67 -22.00
N LYS A 103 -10.87 -1.04 -20.73
CA LYS A 103 -9.69 -0.72 -19.94
C LYS A 103 -8.66 -1.82 -20.09
N ASP A 104 -7.38 -1.47 -19.96
CA ASP A 104 -6.27 -2.42 -20.10
C ASP A 104 -5.88 -3.07 -18.77
N TYR A 105 -5.65 -2.23 -17.75
CA TYR A 105 -5.15 -2.70 -16.46
C TYR A 105 -5.95 -2.08 -15.33
N VAL A 106 -6.06 -2.80 -14.22
CA VAL A 106 -6.73 -2.34 -13.02
C VAL A 106 -5.78 -2.48 -11.85
N PHE A 107 -5.52 -1.36 -11.18
CA PHE A 107 -4.69 -1.32 -9.97
C PHE A 107 -5.65 -1.16 -8.82
N HIS A 108 -5.77 -2.18 -7.96
CA HIS A 108 -6.76 -2.14 -6.91
C HIS A 108 -6.10 -1.80 -5.57
N LEU A 109 -6.17 -0.53 -5.20
CA LEU A 109 -5.64 -0.05 -3.90
C LEU A 109 -6.72 0.38 -2.93
N ALA A 110 -7.97 0.56 -3.38
CA ALA A 110 -9.03 0.98 -2.50
C ALA A 110 -9.25 -0.10 -1.44
N ALA A 111 -9.29 0.31 -0.17
CA ALA A 111 -9.51 -0.59 0.96
C ALA A 111 -9.69 0.26 2.20
N LEU A 112 -10.33 -0.29 3.22
CA LEU A 112 -10.20 0.27 4.57
C LEU A 112 -8.94 -0.36 5.16
N ALA A 113 -7.87 0.42 5.12
CA ALA A 113 -6.52 -0.07 5.35
C ALA A 113 -6.16 0.18 6.80
N SER A 114 -6.70 -0.67 7.68
CA SER A 114 -6.36 -0.59 9.10
C SER A 114 -6.56 -1.89 9.84
N VAL A 115 -5.48 -2.37 10.45
CA VAL A 115 -5.53 -3.54 11.33
C VAL A 115 -6.44 -3.28 12.54
N PRO A 116 -6.13 -2.26 13.37
CA PRO A 116 -7.00 -2.07 14.55
C PRO A 116 -8.43 -1.64 14.22
N GLY A 117 -8.62 -0.87 13.14
CA GLY A 117 -9.95 -0.50 12.69
C GLY A 117 -10.80 -1.71 12.35
N SER A 118 -10.19 -2.70 11.70
CA SER A 118 -10.87 -3.94 11.32
C SER A 118 -11.32 -4.78 12.51
N VAL A 119 -10.58 -4.71 13.62
CA VAL A 119 -10.95 -5.44 14.82
C VAL A 119 -12.22 -4.82 15.43
N ALA A 120 -12.30 -3.49 15.37
CA ALA A 120 -13.47 -2.77 15.87
C ALA A 120 -14.69 -2.92 14.98
N GLU A 121 -14.49 -3.01 13.68
CA GLU A 121 -15.60 -3.01 12.74
C GLU A 121 -15.43 -4.09 11.65
N PRO A 122 -15.46 -5.36 12.04
CA PRO A 122 -15.14 -6.39 11.06
C PRO A 122 -16.12 -6.46 9.88
N LEU A 123 -17.42 -6.25 10.12
CA LEU A 123 -18.37 -6.36 9.02
C LEU A 123 -18.19 -5.23 8.02
N ARG A 124 -18.03 -3.99 8.51
CA ARG A 124 -17.81 -2.86 7.60
C ARG A 124 -16.52 -3.02 6.78
N TYR A 125 -15.47 -3.51 7.43
CA TYR A 125 -14.22 -3.81 6.74
C TYR A 125 -14.39 -4.95 5.72
N ASN A 126 -15.20 -5.95 6.05
CA ASN A 126 -15.51 -7.04 5.10
C ASN A 126 -16.19 -6.50 3.81
N GLN A 127 -17.14 -5.61 4.00
N GLN A 127 -17.15 -5.61 3.98
CA GLN A 127 -17.83 -4.99 2.86
CA GLN A 127 -17.82 -5.01 2.83
C GLN A 127 -16.86 -4.24 1.94
C GLN A 127 -16.82 -4.29 1.93
N ASN A 128 -15.94 -3.48 2.53
CA ASN A 128 -14.99 -2.69 1.74
C ASN A 128 -13.83 -3.48 1.18
N ASN A 129 -13.41 -4.51 1.89
CA ASN A 129 -12.16 -5.19 1.57
C ASN A 129 -12.34 -6.50 0.85
N ILE A 130 -13.39 -7.25 1.15
CA ILE A 130 -13.68 -8.46 0.37
C ILE A 130 -14.78 -8.20 -0.64
N ASP A 131 -15.96 -7.75 -0.19
CA ASP A 131 -17.12 -7.67 -1.07
C ASP A 131 -16.84 -6.74 -2.26
N ALA A 132 -16.30 -5.56 -1.98
CA ALA A 132 -16.01 -4.60 -3.06
C ALA A 132 -14.93 -5.11 -4.00
N SER A 133 -13.92 -5.79 -3.44
CA SER A 133 -12.85 -6.35 -4.25
C SER A 133 -13.42 -7.42 -5.18
N LEU A 134 -14.31 -8.24 -4.65
CA LEU A 134 -14.91 -9.30 -5.48
C LEU A 134 -15.72 -8.70 -6.60
N LYS A 135 -16.51 -7.67 -6.29
CA LYS A 135 -17.29 -7.01 -7.35
C LYS A 135 -16.37 -6.48 -8.45
N LEU A 136 -15.22 -5.94 -8.05
CA LEU A 136 -14.25 -5.45 -9.01
C LEU A 136 -13.68 -6.59 -9.86
N PHE A 137 -13.31 -7.69 -9.20
CA PHE A 137 -12.71 -8.82 -9.90
C PHE A 137 -13.69 -9.46 -10.89
N ILE A 138 -14.98 -9.46 -10.54
CA ILE A 138 -16.02 -9.97 -11.45
C ILE A 138 -16.08 -9.09 -12.69
N ALA A 139 -16.11 -7.78 -12.49
CA ALA A 139 -16.06 -6.85 -13.62
C ALA A 139 -14.76 -6.96 -14.42
N CYS A 140 -13.63 -7.27 -13.78
CA CYS A 140 -12.37 -7.47 -14.49
C CYS A 140 -12.47 -8.66 -15.45
N LYS A 141 -12.94 -9.80 -14.94
CA LYS A 141 -12.98 -10.99 -15.79
C LYS A 141 -14.06 -10.86 -16.87
N ASN A 142 -15.17 -10.20 -16.57
CA ASN A 142 -16.22 -9.99 -17.59
C ASN A 142 -15.77 -9.06 -18.70
N ASN A 143 -14.84 -8.15 -18.39
CA ASN A 143 -14.31 -7.23 -19.40
C ASN A 143 -12.99 -7.65 -20.02
N ASN A 144 -12.48 -8.84 -19.69
N ASN A 144 -12.51 -8.87 -19.74
CA ASN A 144 -11.21 -9.35 -20.23
CA ASN A 144 -11.23 -9.36 -20.23
C ASN A 144 -10.05 -8.39 -20.00
C ASN A 144 -10.07 -8.38 -20.00
N ILE A 145 -10.02 -7.82 -18.78
CA ILE A 145 -8.92 -6.97 -18.33
C ILE A 145 -7.62 -7.77 -18.43
N LYS A 146 -6.57 -7.14 -18.99
CA LYS A 146 -5.31 -7.85 -19.22
C LYS A 146 -4.64 -8.25 -17.91
N LYS A 147 -4.72 -7.37 -16.90
CA LYS A 147 -4.12 -7.71 -15.61
C LYS A 147 -4.73 -6.88 -14.49
N VAL A 148 -4.86 -7.50 -13.33
N VAL A 148 -5.07 -7.55 -13.40
CA VAL A 148 -5.24 -6.84 -12.07
CA VAL A 148 -5.46 -6.85 -12.19
C VAL A 148 -3.99 -6.78 -11.19
C VAL A 148 -4.31 -7.00 -11.23
N ILE A 149 -3.66 -5.63 -10.60
N ILE A 149 -3.87 -5.84 -10.74
CA ILE A 149 -2.53 -5.53 -9.71
CA ILE A 149 -2.76 -5.72 -9.79
C ILE A 149 -3.16 -5.19 -8.37
C ILE A 149 -3.31 -5.29 -8.43
N PHE A 150 -3.08 -6.12 -7.42
CA PHE A 150 -3.78 -6.02 -6.14
C PHE A 150 -2.81 -5.69 -5.00
N SER A 151 -3.20 -4.73 -4.15
CA SER A 151 -2.41 -4.32 -3.00
C SER A 151 -2.76 -5.20 -1.80
N SER A 152 -1.88 -6.13 -1.50
CA SER A 152 -1.99 -6.97 -0.30
C SER A 152 -1.01 -6.47 0.74
N SER A 153 -0.71 -7.27 1.76
CA SER A 153 0.04 -6.81 2.90
C SER A 153 0.79 -7.94 3.55
N SER A 154 1.98 -7.65 4.08
CA SER A 154 2.67 -8.60 4.93
C SER A 154 1.89 -8.99 6.21
N ALA A 155 0.83 -8.26 6.55
CA ALA A 155 -0.06 -8.66 7.65
C ALA A 155 -0.59 -10.08 7.50
N VAL A 156 -0.68 -10.56 6.26
CA VAL A 156 -1.19 -11.93 6.04
C VAL A 156 -0.28 -13.01 6.66
N TYR A 157 1.01 -12.70 6.88
CA TYR A 157 1.94 -13.64 7.53
C TYR A 157 1.72 -13.80 9.03
N GLY A 158 1.09 -12.84 9.68
CA GLY A 158 0.98 -12.84 11.14
C GLY A 158 2.34 -12.87 11.81
N GLU A 159 2.42 -13.56 12.94
CA GLU A 159 3.62 -13.62 13.75
C GLU A 159 4.39 -14.85 13.33
N ASN A 160 5.23 -14.71 12.31
CA ASN A 160 5.93 -15.84 11.72
C ASN A 160 7.42 -15.62 11.95
N PRO A 161 8.08 -16.55 12.67
CA PRO A 161 9.49 -16.39 12.94
C PRO A 161 10.43 -16.79 11.79
N ASN A 162 9.90 -17.35 10.69
CA ASN A 162 10.74 -17.87 9.60
C ASN A 162 11.17 -16.77 8.64
N MET A 163 11.98 -15.84 9.15
CA MET A 163 12.44 -14.71 8.37
C MET A 163 13.79 -15.02 7.73
N PRO A 164 14.10 -14.45 6.57
CA PRO A 164 13.20 -13.55 5.81
C PRO A 164 11.99 -14.28 5.20
N LEU A 165 10.83 -13.64 5.25
CA LEU A 165 9.57 -14.32 4.97
C LEU A 165 9.39 -14.56 3.48
N LYS A 166 9.26 -15.83 3.11
CA LYS A 166 9.03 -16.19 1.72
C LYS A 166 7.53 -16.20 1.45
N GLU A 167 7.16 -15.95 0.19
CA GLU A 167 5.75 -15.90 -0.19
C GLU A 167 5.04 -17.23 0.03
N SER A 168 5.79 -18.33 0.03
CA SER A 168 5.23 -19.66 0.28
C SER A 168 4.79 -19.94 1.72
N GLU A 169 5.10 -19.06 2.68
CA GLU A 169 4.61 -19.24 4.04
C GLU A 169 3.06 -19.29 4.05
N ASN A 170 2.50 -20.07 4.96
CA ASN A 170 1.07 -20.12 5.16
C ASN A 170 0.58 -18.79 5.71
N PHE A 171 -0.70 -18.51 5.47
CA PHE A 171 -1.36 -17.38 6.11
C PHE A 171 -1.56 -17.62 7.60
N LEU A 172 -1.34 -16.58 8.39
CA LEU A 172 -1.61 -16.63 9.85
C LEU A 172 -2.22 -15.31 10.27
N PRO A 173 -3.41 -14.98 9.73
CA PRO A 173 -3.96 -13.65 10.01
C PRO A 173 -4.37 -13.45 11.47
N CYS A 174 -3.97 -12.32 12.04
CA CYS A 174 -4.28 -12.01 13.43
C CYS A 174 -5.41 -11.03 13.59
N SER A 175 -5.81 -10.37 12.49
CA SER A 175 -6.91 -9.41 12.50
C SER A 175 -7.82 -9.69 11.33
N PRO A 176 -9.05 -9.18 11.39
CA PRO A 176 -9.97 -9.31 10.24
C PRO A 176 -9.39 -8.69 8.96
N TYR A 177 -8.65 -7.58 9.10
CA TYR A 177 -7.94 -6.98 7.97
C TYR A 177 -7.01 -7.98 7.28
N ALA A 178 -6.19 -8.65 8.06
CA ALA A 178 -5.26 -9.63 7.51
C ALA A 178 -5.99 -10.77 6.82
N ALA A 179 -7.09 -11.22 7.41
CA ALA A 179 -7.92 -12.27 6.80
C ALA A 179 -8.52 -11.80 5.47
N GLN A 180 -8.94 -10.54 5.43
CA GLN A 180 -9.52 -9.93 4.22
C GLN A 180 -8.53 -9.83 3.08
N LYS A 181 -7.31 -9.37 3.34
CA LYS A 181 -6.29 -9.34 2.29
C LYS A 181 -5.95 -10.74 1.77
N ALA A 182 -5.84 -11.69 2.69
CA ALA A 182 -5.61 -13.09 2.30
C ALA A 182 -6.77 -13.62 1.46
N SER A 183 -8.01 -13.30 1.86
N SER A 183 -8.00 -13.30 1.85
CA SER A 183 -9.20 -13.73 1.10
CA SER A 183 -9.18 -13.74 1.11
C SER A 183 -9.16 -13.20 -0.33
C SER A 183 -9.21 -13.19 -0.31
N CYS A 184 -8.80 -11.94 -0.49
CA CYS A 184 -8.68 -11.35 -1.82
C CYS A 184 -7.63 -12.08 -2.66
N GLU A 185 -6.49 -12.44 -2.05
CA GLU A 185 -5.47 -13.19 -2.78
C GLU A 185 -6.04 -14.55 -3.26
N LEU A 186 -6.80 -15.19 -2.37
CA LEU A 186 -7.41 -16.48 -2.69
C LEU A 186 -8.45 -16.34 -3.79
N TYR A 187 -9.25 -15.29 -3.73
CA TYR A 187 -10.20 -15.06 -4.82
C TYR A 187 -9.47 -14.87 -6.15
N LEU A 188 -8.36 -14.12 -6.14
CA LEU A 188 -7.62 -13.90 -7.40
C LEU A 188 -7.10 -15.21 -7.96
N LYS A 189 -6.54 -16.06 -7.10
CA LYS A 189 -6.12 -17.40 -7.53
C LYS A 189 -7.29 -18.14 -8.16
N SER A 190 -8.45 -18.14 -7.49
CA SER A 190 -9.60 -18.86 -8.00
C SER A 190 -10.13 -18.28 -9.31
N PHE A 191 -10.02 -16.97 -9.48
CA PHE A 191 -10.45 -16.31 -10.72
C PHE A 191 -9.49 -16.60 -11.87
N HIS A 192 -8.20 -16.75 -11.57
CA HIS A 192 -7.23 -17.19 -12.58
C HIS A 192 -7.60 -18.58 -13.08
N GLU A 193 -7.89 -19.49 -12.14
CA GLU A 193 -8.23 -20.86 -12.52
C GLU A 193 -9.58 -20.96 -13.21
N SER A 194 -10.57 -20.19 -12.73
CA SER A 194 -11.96 -20.36 -13.22
C SER A 194 -12.22 -19.59 -14.50
N TYR A 195 -11.61 -18.42 -14.65
CA TYR A 195 -11.92 -17.49 -15.74
C TYR A 195 -10.71 -17.03 -16.56
N GLY A 196 -9.51 -17.44 -16.19
CA GLY A 196 -8.30 -16.99 -16.86
C GLY A 196 -7.90 -15.56 -16.59
N LEU A 197 -8.33 -14.99 -15.47
CA LEU A 197 -7.94 -13.62 -15.12
C LEU A 197 -6.49 -13.60 -14.64
N ASP A 198 -5.66 -12.78 -15.25
CA ASP A 198 -4.27 -12.65 -14.86
C ASP A 198 -4.14 -11.57 -13.78
N TYR A 199 -3.22 -11.80 -12.85
CA TYR A 199 -3.10 -10.92 -11.69
C TYR A 199 -1.74 -11.01 -11.07
N VAL A 200 -1.36 -9.95 -10.36
CA VAL A 200 -0.29 -10.01 -9.39
C VAL A 200 -0.83 -9.43 -8.09
N ALA A 201 -0.61 -10.13 -6.99
CA ALA A 201 -0.91 -9.64 -5.66
C ALA A 201 0.42 -9.23 -5.05
N LEU A 202 0.51 -7.99 -4.59
CA LEU A 202 1.75 -7.46 -4.03
C LEU A 202 1.62 -7.35 -2.51
N ARG A 203 2.46 -8.07 -1.76
CA ARG A 203 2.43 -8.00 -0.31
C ARG A 203 3.38 -6.89 0.14
N TYR A 204 2.83 -5.71 0.40
CA TYR A 204 3.66 -4.59 0.84
C TYR A 204 4.08 -4.79 2.28
N PHE A 205 5.30 -4.38 2.58
CA PHE A 205 5.77 -4.33 3.96
C PHE A 205 5.52 -2.90 4.42
N ASN A 206 6.41 -2.28 5.17
CA ASN A 206 6.07 -1.00 5.81
C ASN A 206 6.29 0.17 4.89
N VAL A 207 5.23 0.62 4.24
CA VAL A 207 5.36 1.70 3.28
C VAL A 207 5.50 3.04 4.00
N PHE A 208 6.32 3.93 3.44
CA PHE A 208 6.42 5.30 3.92
C PHE A 208 6.62 6.28 2.78
N GLY A 209 6.35 7.55 3.06
CA GLY A 209 6.68 8.63 2.13
C GLY A 209 5.70 9.77 2.15
N PRO A 210 5.89 10.70 1.20
CA PRO A 210 4.96 11.81 1.04
C PRO A 210 3.49 11.36 0.93
N ARG A 211 2.61 12.10 1.60
CA ARG A 211 1.16 11.95 1.58
C ARG A 211 0.63 10.88 2.52
N GLN A 212 1.51 10.25 3.30
CA GLN A 212 1.05 9.28 4.29
C GLN A 212 0.38 9.99 5.46
N ASP A 213 -0.69 9.41 5.98
CA ASP A 213 -1.42 10.02 7.08
C ASP A 213 -0.61 10.04 8.37
N GLU A 214 -0.63 11.17 9.08
CA GLU A 214 -0.02 11.28 10.40
C GLU A 214 -1.04 11.52 11.51
N ASN A 215 -2.29 11.80 11.15
CA ASN A 215 -3.31 12.26 12.12
C ASN A 215 -4.09 11.20 12.85
N SER A 216 -4.27 10.03 12.24
CA SER A 216 -5.01 8.95 12.86
C SER A 216 -4.28 8.52 14.13
N PRO A 217 -5.04 8.11 15.18
CA PRO A 217 -4.41 7.44 16.34
C PRO A 217 -3.52 6.23 15.95
N TYR A 218 -3.92 5.58 14.85
N TYR A 218 -3.82 5.51 14.88
CA TYR A 218 -3.26 4.43 14.25
CA TYR A 218 -2.93 4.43 14.48
C TYR A 218 -2.09 4.75 13.29
C TYR A 218 -2.13 4.75 13.21
N ALA A 219 -1.77 6.02 13.06
CA ALA A 219 -0.85 6.41 11.97
C ALA A 219 0.52 5.76 12.10
N ALA A 220 1.16 5.59 10.96
CA ALA A 220 2.44 4.88 10.86
C ALA A 220 3.57 5.63 11.54
N VAL A 221 4.59 4.88 11.93
CA VAL A 221 5.68 5.40 12.78
C VAL A 221 6.49 6.53 12.13
N ILE A 222 6.80 6.43 10.85
CA ILE A 222 7.60 7.47 10.19
C ILE A 222 6.84 8.82 10.19
N PRO A 223 5.57 8.82 9.74
CA PRO A 223 4.81 10.08 9.88
C PRO A 223 4.68 10.60 11.30
N LYS A 224 4.47 9.71 12.27
N LYS A 224 4.47 9.71 12.27
CA LYS A 224 4.36 10.14 13.66
CA LYS A 224 4.34 10.10 13.68
C LYS A 224 5.64 10.76 14.17
C LYS A 224 5.64 10.74 14.20
N PHE A 225 6.78 10.14 13.88
CA PHE A 225 8.11 10.68 14.29
C PHE A 225 8.36 12.03 13.64
N ILE A 226 8.12 12.13 12.34
CA ILE A 226 8.37 13.39 11.63
C ILE A 226 7.43 14.49 12.13
N SER A 227 6.14 14.18 12.20
N SER A 227 6.14 14.20 12.22
CA SER A 227 5.14 15.17 12.60
CA SER A 227 5.17 15.24 12.58
C SER A 227 5.43 15.68 14.01
C SER A 227 5.28 15.67 14.05
N ALA A 228 5.71 14.76 14.94
CA ALA A 228 6.01 15.14 16.32
C ALA A 228 7.18 16.13 16.37
N ILE A 229 8.28 15.77 15.72
CA ILE A 229 9.49 16.59 15.75
C ILE A 229 9.21 17.95 15.11
N LEU A 230 8.49 17.98 13.99
CA LEU A 230 8.16 19.28 13.35
C LEU A 230 7.25 20.17 14.19
N ASN A 231 6.39 19.54 15.00
CA ASN A 231 5.52 20.25 15.92
C ASN A 231 6.18 20.55 17.27
N GLY A 232 7.46 20.21 17.43
CA GLY A 232 8.21 20.50 18.65
C GLY A 232 7.83 19.63 19.83
N GLU A 233 7.39 18.40 19.55
CA GLU A 233 6.95 17.47 20.60
C GLU A 233 7.74 16.19 20.54
N SER A 234 7.94 15.58 21.72
CA SER A 234 8.64 14.30 21.80
C SER A 234 7.73 13.18 21.24
N PRO A 235 8.26 12.38 20.32
CA PRO A 235 7.51 11.19 19.88
C PRO A 235 7.60 10.07 20.91
N VAL A 236 6.94 8.95 20.61
CA VAL A 236 6.83 7.83 21.55
C VAL A 236 7.20 6.54 20.85
N ILE A 237 7.84 5.65 21.60
CA ILE A 237 8.10 4.29 21.16
C ILE A 237 7.30 3.33 22.04
N TYR A 238 6.60 2.38 21.40
CA TYR A 238 5.80 1.39 22.12
C TYR A 238 6.67 0.14 22.31
N GLY A 239 7.23 0.01 23.50
CA GLY A 239 8.13 -1.08 23.81
C GLY A 239 9.53 -0.56 23.95
N ASP A 240 10.51 -1.42 23.72
CA ASP A 240 11.90 -1.04 23.96
C ASP A 240 12.62 -0.45 22.75
N GLY A 241 11.94 -0.42 21.59
CA GLY A 241 12.52 0.10 20.35
C GLY A 241 13.40 -0.83 19.54
N GLU A 242 13.67 -2.03 20.05
CA GLU A 242 14.46 -3.02 19.33
C GLU A 242 13.63 -3.74 18.27
N GLN A 243 12.31 -3.61 18.33
CA GLN A 243 11.44 -4.09 17.25
C GLN A 243 11.92 -3.55 15.91
N SER A 244 11.74 -4.33 14.84
CA SER A 244 12.24 -3.91 13.55
C SER A 244 11.25 -4.17 12.44
N ARG A 245 11.40 -3.37 11.40
CA ARG A 245 10.55 -3.44 10.21
C ARG A 245 11.36 -3.30 8.93
N ASP A 246 10.76 -3.78 7.84
CA ASP A 246 11.30 -3.72 6.50
C ASP A 246 10.56 -2.57 5.80
N PHE A 247 11.16 -1.38 5.86
CA PHE A 247 10.54 -0.17 5.31
C PHE A 247 10.79 -0.08 3.82
N ILE A 248 9.80 0.43 3.09
CA ILE A 248 9.86 0.52 1.63
C ILE A 248 9.17 1.81 1.19
N TYR A 249 9.86 2.58 0.36
CA TYR A 249 9.37 3.89 -0.05
C TYR A 249 8.21 3.80 -1.02
N VAL A 250 7.26 4.72 -0.86
CA VAL A 250 6.02 4.70 -1.64
C VAL A 250 6.27 4.78 -3.15
N LYS A 251 7.31 5.50 -3.58
CA LYS A 251 7.61 5.57 -5.02
C LYS A 251 8.15 4.25 -5.56
N GLU A 252 8.76 3.45 -4.70
CA GLU A 252 9.18 2.11 -5.08
C GLU A 252 7.97 1.18 -5.20
N ILE A 253 6.99 1.34 -4.32
CA ILE A 253 5.73 0.59 -4.43
C ILE A 253 5.03 0.91 -5.76
N ALA A 254 5.00 2.18 -6.13
CA ALA A 254 4.41 2.58 -7.40
C ALA A 254 5.11 1.92 -8.58
N LYS A 255 6.45 1.92 -8.57
CA LYS A 255 7.24 1.23 -9.60
C LYS A 255 6.91 -0.27 -9.68
N ALA A 256 6.84 -0.92 -8.52
CA ALA A 256 6.49 -2.35 -8.47
C ALA A 256 5.11 -2.62 -9.05
N ASN A 257 4.17 -1.72 -8.81
CA ASN A 257 2.83 -1.86 -9.38
C ASN A 257 2.89 -1.84 -10.90
N ILE A 258 3.61 -0.87 -11.43
CA ILE A 258 3.67 -0.65 -12.89
C ILE A 258 4.42 -1.78 -13.57
N LEU A 259 5.53 -2.20 -13.01
CA LEU A 259 6.27 -3.36 -13.51
C LEU A 259 5.45 -4.66 -13.46
N SER A 260 4.63 -4.82 -12.42
CA SER A 260 3.77 -6.01 -12.30
C SER A 260 2.73 -6.06 -13.42
N ALA A 261 2.19 -4.90 -13.77
CA ALA A 261 1.20 -4.79 -14.83
C ALA A 261 1.79 -5.23 -16.16
N GLU A 262 3.06 -4.86 -16.39
CA GLU A 262 3.77 -5.15 -17.64
C GLU A 262 4.34 -6.58 -17.71
N SER A 263 4.45 -7.25 -16.56
CA SER A 263 5.03 -8.59 -16.47
C SER A 263 4.09 -9.69 -16.96
N ASP A 264 4.67 -10.80 -17.42
N ASP A 264 4.67 -10.80 -17.42
CA ASP A 264 3.88 -12.01 -17.75
CA ASP A 264 3.90 -12.00 -17.76
C ASP A 264 3.62 -12.89 -16.52
C ASP A 264 3.66 -12.91 -16.54
N TYR A 265 4.19 -12.53 -15.38
CA TYR A 265 4.04 -13.32 -14.17
C TYR A 265 2.64 -13.18 -13.55
N ASN A 266 2.07 -14.30 -13.12
CA ASN A 266 0.86 -14.30 -12.28
C ASN A 266 1.18 -14.89 -10.93
N GLY A 267 0.77 -14.22 -9.86
CA GLY A 267 1.01 -14.77 -8.52
C GLY A 267 1.20 -13.67 -7.51
N VAL A 268 1.93 -14.03 -6.44
CA VAL A 268 2.06 -13.16 -5.26
C VAL A 268 3.54 -12.85 -5.05
N ILE A 269 3.85 -11.58 -4.77
N ILE A 269 3.84 -11.59 -4.72
CA ILE A 269 5.24 -11.12 -4.61
CA ILE A 269 5.21 -11.08 -4.64
C ILE A 269 5.33 -10.17 -3.42
C ILE A 269 5.33 -10.14 -3.42
N ASN A 270 6.30 -10.39 -2.54
CA ASN A 270 6.63 -9.42 -1.46
C ASN A 270 7.24 -8.16 -2.06
N VAL A 271 6.85 -6.99 -1.58
CA VAL A 271 7.49 -5.75 -1.99
C VAL A 271 8.07 -5.07 -0.76
N ALA A 272 9.41 -5.04 -0.70
CA ALA A 272 10.16 -4.55 0.43
C ALA A 272 11.62 -4.44 -0.01
N LEU A 273 12.52 -4.14 0.93
CA LEU A 273 13.97 -4.17 0.64
C LEU A 273 14.69 -5.42 1.11
N GLY A 274 14.05 -6.24 1.93
CA GLY A 274 14.71 -7.39 2.55
C GLY A 274 15.77 -6.96 3.55
N LYS A 275 15.56 -5.80 4.18
CA LYS A 275 16.46 -5.26 5.20
C LYS A 275 15.65 -4.86 6.42
N SER A 276 16.24 -5.00 7.60
CA SER A 276 15.61 -4.66 8.87
C SER A 276 16.11 -3.32 9.35
N MET A 277 15.22 -2.55 9.97
CA MET A 277 15.65 -1.39 10.77
C MET A 277 14.89 -1.37 12.07
N THR A 278 15.60 -1.21 13.18
CA THR A 278 14.92 -1.06 14.46
C THR A 278 14.29 0.31 14.56
N ILE A 279 13.27 0.40 15.42
CA ILE A 279 12.61 1.66 15.65
C ILE A 279 13.53 2.63 16.39
N ASN A 280 14.39 2.13 17.28
CA ASN A 280 15.44 3.00 17.87
C ASN A 280 16.34 3.63 16.83
N ARG A 281 16.79 2.84 15.87
CA ARG A 281 17.68 3.33 14.82
C ARG A 281 16.94 4.29 13.91
N LEU A 282 15.68 3.98 13.61
CA LEU A 282 14.86 4.86 12.81
C LEU A 282 14.77 6.25 13.45
N PHE A 283 14.52 6.29 14.74
CA PHE A 283 14.41 7.55 15.44
C PHE A 283 15.72 8.35 15.34
N GLU A 284 16.85 7.66 15.49
CA GLU A 284 18.16 8.32 15.36
C GLU A 284 18.31 8.95 14.00
N ILE A 285 17.97 8.18 12.96
CA ILE A 285 18.14 8.66 11.59
C ILE A 285 17.24 9.85 11.30
N ILE A 286 15.96 9.76 11.68
CA ILE A 286 15.03 10.87 11.46
C ILE A 286 15.45 12.11 12.26
N SER A 287 15.89 11.91 13.51
CA SER A 287 16.41 13.03 14.31
C SER A 287 17.62 13.69 13.66
N ASP A 288 18.51 12.89 13.08
CA ASP A 288 19.68 13.43 12.35
C ASP A 288 19.26 14.23 11.14
N VAL A 289 18.35 13.69 10.34
CA VAL A 289 17.82 14.38 9.16
C VAL A 289 17.20 15.73 9.55
N LEU A 290 16.44 15.76 10.65
CA LEU A 290 15.78 16.98 11.13
C LEU A 290 16.66 17.87 12.03
N GLU A 291 17.90 17.45 12.27
CA GLU A 291 18.85 18.17 13.15
C GLU A 291 18.21 18.47 14.51
N SER A 292 17.58 17.43 15.06
CA SER A 292 16.72 17.57 16.23
C SER A 292 17.37 17.01 17.48
N ASP A 293 17.25 17.77 18.58
CA ASP A 293 17.63 17.31 19.91
C ASP A 293 16.43 16.92 20.78
N ILE A 294 15.25 16.80 20.17
CA ILE A 294 14.05 16.36 20.88
C ILE A 294 14.23 14.86 21.15
N ASP A 295 14.04 14.44 22.40
CA ASP A 295 14.18 13.04 22.73
C ASP A 295 12.86 12.28 22.56
N VAL A 296 12.98 10.96 22.53
CA VAL A 296 11.85 10.05 22.38
C VAL A 296 11.47 9.47 23.74
N LYS A 297 10.19 9.22 23.95
CA LYS A 297 9.66 8.64 25.17
C LYS A 297 9.39 7.17 24.89
N TYR A 298 9.46 6.36 25.94
CA TYR A 298 9.21 4.91 25.86
C TYR A 298 7.98 4.52 26.68
N LEU A 299 7.07 3.81 26.02
CA LEU A 299 5.82 3.35 26.63
C LEU A 299 5.79 1.83 26.55
N ASP A 300 4.76 1.24 27.16
CA ASP A 300 4.55 -0.19 27.05
C ASP A 300 4.28 -0.59 25.61
N GLU A 301 4.54 -1.85 25.32
CA GLU A 301 4.22 -2.42 24.01
C GLU A 301 2.74 -2.29 23.68
N ARG A 302 2.42 -2.11 22.40
CA ARG A 302 1.04 -2.16 21.94
C ARG A 302 0.64 -3.60 21.76
N PRO A 303 -0.54 -3.99 22.25
CA PRO A 303 -1.02 -5.33 21.96
C PRO A 303 -1.17 -5.54 20.45
N GLY A 304 -0.72 -6.68 19.97
CA GLY A 304 -0.82 -7.01 18.56
C GLY A 304 0.43 -6.71 17.75
N ASP A 305 1.32 -5.82 18.24
CA ASP A 305 2.56 -5.53 17.52
C ASP A 305 3.48 -6.73 17.51
N ILE A 306 3.84 -7.22 16.33
CA ILE A 306 4.88 -8.24 16.24
C ILE A 306 6.25 -7.57 16.41
N LYS A 307 7.21 -8.33 16.94
CA LYS A 307 8.52 -7.72 17.24
C LYS A 307 9.36 -7.46 15.99
N HIS A 308 9.50 -8.47 15.13
CA HIS A 308 10.33 -8.38 13.93
C HIS A 308 9.62 -8.82 12.67
N SER A 309 9.85 -8.06 11.61
CA SER A 309 9.26 -8.31 10.30
C SER A 309 10.32 -8.06 9.24
N LEU A 310 10.53 -9.02 8.35
CA LEU A 310 11.57 -8.97 7.32
C LEU A 310 11.12 -9.78 6.11
N ALA A 311 11.18 -9.18 4.92
CA ALA A 311 10.78 -9.87 3.69
C ALA A 311 11.94 -10.61 3.03
N ASP A 312 11.65 -11.76 2.43
CA ASP A 312 12.49 -12.30 1.37
C ASP A 312 11.98 -11.71 0.07
N ILE A 313 12.85 -10.98 -0.63
CA ILE A 313 12.45 -10.28 -1.87
C ILE A 313 13.04 -10.92 -3.16
N SER A 314 13.44 -12.19 -3.07
CA SER A 314 13.94 -12.94 -4.23
C SER A 314 12.99 -12.88 -5.44
N ASN A 315 11.70 -13.04 -5.17
CA ASN A 315 10.72 -13.08 -6.26
C ASN A 315 10.40 -11.73 -6.92
N LEU A 316 11.00 -10.63 -6.45
CA LEU A 316 10.99 -9.39 -7.22
C LEU A 316 11.63 -9.52 -8.62
N ASP A 317 12.49 -10.52 -8.78
CA ASP A 317 13.04 -10.88 -10.08
C ASP A 317 11.94 -11.23 -11.08
N LYS A 318 10.83 -11.77 -10.62
CA LYS A 318 9.68 -12.12 -11.48
C LYS A 318 9.06 -10.93 -12.20
N ILE A 319 9.21 -9.72 -11.65
CA ILE A 319 8.73 -8.50 -12.30
C ILE A 319 9.87 -7.57 -12.71
N SER A 320 11.09 -8.11 -12.75
CA SER A 320 12.31 -7.34 -13.05
C SER A 320 12.45 -6.05 -12.24
N PHE A 321 12.15 -6.12 -10.95
CA PHE A 321 12.27 -4.96 -10.07
C PHE A 321 13.43 -5.10 -9.09
N LYS A 322 14.33 -4.12 -9.11
CA LYS A 322 15.42 -4.01 -8.14
C LYS A 322 15.25 -2.68 -7.43
N PRO A 323 14.71 -2.68 -6.20
CA PRO A 323 14.60 -1.40 -5.49
C PRO A 323 15.97 -0.85 -5.08
N ASP A 324 16.06 0.47 -4.94
CA ASP A 324 17.32 1.13 -4.55
C ASP A 324 17.65 0.70 -3.12
N GLU A 325 18.87 0.18 -2.89
CA GLU A 325 19.21 -0.41 -1.60
C GLU A 325 19.96 0.54 -0.64
N ASP A 326 20.35 1.74 -1.09
CA ASP A 326 21.06 2.71 -0.23
C ASP A 326 20.55 4.14 -0.42
N LYS A 327 19.24 4.32 -0.36
CA LYS A 327 18.61 5.63 -0.56
C LYS A 327 17.67 6.04 0.58
N PHE A 328 17.78 5.40 1.74
CA PHE A 328 16.84 5.67 2.84
C PHE A 328 16.85 7.11 3.32
N GLU A 329 18.05 7.67 3.52
CA GLU A 329 18.14 9.06 3.97
C GLU A 329 17.54 10.01 2.94
N GLU A 330 17.85 9.80 1.66
CA GLU A 330 17.29 10.63 0.59
C GLU A 330 15.76 10.57 0.58
N GLN A 331 15.22 9.36 0.73
CA GLN A 331 13.77 9.17 0.78
C GLN A 331 13.13 9.81 2.00
N LEU A 332 13.80 9.69 3.15
CA LEU A 332 13.35 10.38 4.35
C LEU A 332 13.40 11.90 4.18
N ARG A 333 14.45 12.42 3.53
CA ARG A 333 14.52 13.87 3.29
C ARG A 333 13.36 14.37 2.43
N GLU A 334 13.02 13.61 1.39
CA GLU A 334 11.86 13.92 0.55
C GLU A 334 10.54 13.88 1.34
N THR A 335 10.42 12.90 2.24
CA THR A 335 9.26 12.77 3.10
C THR A 335 9.12 13.96 4.06
N VAL A 336 10.24 14.31 4.70
CA VAL A 336 10.27 15.46 5.61
C VAL A 336 9.89 16.74 4.88
N LYS A 337 10.46 16.96 3.70
CA LYS A 337 10.14 18.16 2.92
C LYS A 337 8.65 18.22 2.57
N TRP A 338 8.06 17.07 2.26
CA TRP A 338 6.63 17.02 2.08
C TRP A 338 5.85 17.44 3.35
N PHE A 339 6.19 16.88 4.51
CA PHE A 339 5.49 17.24 5.75
C PHE A 339 5.70 18.71 6.12
N ILE A 340 6.87 19.24 5.86
CA ILE A 340 7.15 20.67 6.05
C ILE A 340 6.22 21.53 5.18
N SER A 341 6.06 21.14 3.92
N SER A 341 6.08 21.16 3.91
CA SER A 341 5.19 21.87 2.99
CA SER A 341 5.19 21.89 2.99
C SER A 341 3.71 21.90 3.41
C SER A 341 3.71 21.92 3.42
N GLN A 342 3.30 20.94 4.22
CA GLN A 342 1.93 20.86 4.74
C GLN A 342 1.64 21.65 6.02
N MET A 343 2.67 22.21 6.64
CA MET A 343 2.48 22.94 7.91
C MET A 343 1.86 24.31 7.66
#